data_4FAQ
#
_entry.id   4FAQ
#
_cell.length_a   89.835
_cell.length_b   95.715
_cell.length_c   225.737
_cell.angle_alpha   90.00
_cell.angle_beta   90.00
_cell.angle_gamma   90.00
#
_symmetry.space_group_name_H-M   'P 21 21 21'
#
loop_
_entity.id
_entity.type
_entity.pdbx_description
1 polymer 'Group IIC intron'
2 non-polymer 'CALCIUM ION'
3 non-polymer 'POTASSIUM ION'
4 non-polymer SPERMINE
5 non-polymer '4-(2-HYDROXYETHYL)-1-PIPERAZINE ETHANESULFONIC ACID'
6 water water
#
_entity_poly.entity_id   1
_entity_poly.type   'polyribonucleotide'
_entity_poly.pdbx_seq_one_letter_code
;GUUAUGUGUGCCCGGCAUGGGUGCAGUCUAUAGGGUGAGAGUCCCGAACUGUGAAGGCAGAAGUAACAGUUAGCCUAACG
CAAGGGUGUCCGUGGCGACAUGGAAUCUGAAGGAAGCGGACGGCAAACCUUCGGUCUGAGGAACACGAACUUCAUAUGAG
GCUAGGUAUCAAUGGAUGAGUUUGCAUAACAAAACAAAGUCCUUUCUGCCAAAGUUGGUACAGAGUAAAUGAAGCAGAUU
GAUGAAGGGAAAGACUGCAUUCUUACCCGGGGAGGUCUGGAAACAGAAGUCAGCAGAAGUCAUAGUACCCUGUUCGCAGG
GGAAGGACGGAACAAGUAUGGCGUUCGCGCCUAAGCUUGAACCGCCGUAUACCGAACGGUACGUACGGUGGUGUGG
;
_entity_poly.pdbx_strand_id   A
#